data_1F2P
#
_entry.id   1F2P
#
_cell.length_a   62.180
_cell.length_b   62.180
_cell.length_c   146.980
_cell.angle_alpha   90.00
_cell.angle_beta   90.00
_cell.angle_gamma   90.00
#
_symmetry.space_group_name_H-M   'P 41 21 2'
#
loop_
_entity.id
_entity.type
_entity.pdbx_description
1 polymer AMINOPEPTIDASE
2 non-polymer 'ZINC ION'
3 non-polymer 'CALCIUM ION'
4 non-polymer PHENYLALANINE
5 water water
#
_entity_poly.entity_id   1
_entity_poly.type   'polypeptide(L)'
_entity_poly.pdbx_seq_one_letter_code
;APDIPLANVKAHLTQLSTIAANNGGNRAHGRPGYKASVDYVKAKLDAAGYTTTLQQFTSGGATGYNLIANWPGGDPNKVL
MAGAHLDSVSSGAGINDNGSGSAAVLETALAVSRAGYQPDKHLRFAWWGAEELGLIGSKFYVNNLPSADRSKLAGYLNFD
MIGSPNPGYFVYDDDPVIEKTFKNYFAGLNVPTEIETEGDGRSDHAPFKNVGVPVGGLFTGAGYTKSAAQAQKWGGTAGQ
AFDRCYHSSCDSLSNINDTALDRNSDAAAHAIWTLSSGTGEPPT
;
_entity_poly.pdbx_strand_id   A
#
loop_
_chem_comp.id
_chem_comp.type
_chem_comp.name
_chem_comp.formula
CA non-polymer 'CALCIUM ION' 'Ca 2'
ZN non-polymer 'ZINC ION' 'Zn 2'
#
# COMPACT_ATOMS: atom_id res chain seq x y z
N ALA A 1 -1.35 14.98 12.18
CA ALA A 1 -1.96 13.70 11.75
C ALA A 1 -2.21 12.83 12.99
N PRO A 2 -3.20 11.92 12.92
CA PRO A 2 -3.51 11.00 14.03
C PRO A 2 -2.52 9.84 14.01
N ASP A 3 -2.42 9.16 15.15
CA ASP A 3 -1.57 7.98 15.32
C ASP A 3 -2.49 6.86 14.79
N ILE A 4 -2.03 5.99 13.88
CA ILE A 4 -2.88 4.89 13.37
C ILE A 4 -2.78 3.70 14.38
N PRO A 5 -3.94 3.23 14.90
CA PRO A 5 -3.88 2.10 15.86
C PRO A 5 -3.36 0.80 15.24
N LEU A 6 -2.24 0.28 15.73
CA LEU A 6 -1.66 -0.96 15.20
C LEU A 6 -2.69 -2.12 15.25
N ALA A 7 -3.48 -2.19 16.33
CA ALA A 7 -4.44 -3.32 16.44
C ALA A 7 -5.49 -3.28 15.34
N ASN A 8 -5.87 -2.09 14.88
CA ASN A 8 -6.85 -1.98 13.80
C ASN A 8 -6.24 -2.52 12.50
N VAL A 9 -4.95 -2.19 12.24
CA VAL A 9 -4.26 -2.68 11.03
C VAL A 9 -4.18 -4.21 11.05
N LYS A 10 -3.76 -4.77 12.18
CA LYS A 10 -3.68 -6.23 12.36
C LYS A 10 -5.05 -6.90 12.14
N ALA A 11 -6.12 -6.25 12.57
CA ALA A 11 -7.45 -6.86 12.39
C ALA A 11 -7.83 -6.97 10.90
N HIS A 12 -7.40 -6.01 10.08
CA HIS A 12 -7.70 -6.11 8.64
C HIS A 12 -6.88 -7.32 8.11
N LEU A 13 -5.65 -7.50 8.59
CA LEU A 13 -4.84 -8.67 8.11
C LEU A 13 -5.53 -10.00 8.50
N THR A 14 -6.05 -10.11 9.72
CA THR A 14 -6.77 -11.31 10.15
C THR A 14 -7.95 -11.57 9.18
N GLN A 15 -8.74 -10.55 8.83
CA GLN A 15 -9.86 -10.73 7.86
C GLN A 15 -9.34 -11.22 6.48
N LEU A 16 -8.21 -10.69 6.00
CA LEU A 16 -7.69 -11.17 4.71
C LEU A 16 -7.22 -12.62 4.83
N SER A 17 -6.62 -12.97 5.97
CA SER A 17 -6.17 -14.33 6.19
C SER A 17 -7.37 -15.32 6.11
N THR A 18 -8.47 -14.99 6.79
CA THR A 18 -9.67 -15.84 6.77
C THR A 18 -10.24 -15.97 5.35
N ILE A 19 -10.21 -14.85 4.60
CA ILE A 19 -10.68 -14.84 3.21
C ILE A 19 -9.85 -15.82 2.38
N ALA A 20 -8.53 -15.80 2.51
CA ALA A 20 -7.68 -16.76 1.77
C ALA A 20 -8.04 -18.21 2.16
N ALA A 21 -8.17 -18.50 3.47
CA ALA A 21 -8.53 -19.86 3.91
C ALA A 21 -9.88 -20.37 3.38
N ASN A 22 -10.88 -19.47 3.27
CA ASN A 22 -12.24 -19.80 2.77
C ASN A 22 -12.28 -19.84 1.22
N ASN A 23 -11.19 -19.47 0.55
CA ASN A 23 -11.17 -19.47 -0.91
C ASN A 23 -9.96 -20.15 -1.53
N GLY A 24 -9.71 -21.39 -1.09
CA GLY A 24 -8.64 -22.19 -1.66
C GLY A 24 -7.21 -21.83 -1.30
N GLY A 25 -7.05 -21.03 -0.24
CA GLY A 25 -5.73 -20.62 0.23
C GLY A 25 -4.98 -19.42 -0.36
N ASN A 26 -5.62 -18.63 -1.23
CA ASN A 26 -4.95 -17.48 -1.85
C ASN A 26 -5.94 -16.34 -2.12
N ARG A 27 -5.41 -15.21 -2.61
CA ARG A 27 -6.21 -14.00 -2.98
C ARG A 27 -5.69 -13.51 -4.34
N ALA A 28 -5.51 -14.46 -5.27
CA ALA A 28 -4.95 -14.21 -6.60
C ALA A 28 -5.91 -13.78 -7.72
N HIS A 29 -5.37 -13.04 -8.71
CA HIS A 29 -6.15 -12.59 -9.88
C HIS A 29 -6.88 -13.79 -10.51
N GLY A 30 -8.15 -13.59 -10.81
CA GLY A 30 -8.92 -14.66 -11.44
C GLY A 30 -9.43 -15.75 -10.51
N ARG A 31 -9.16 -15.63 -9.20
CA ARG A 31 -9.62 -16.61 -8.21
C ARG A 31 -10.58 -15.88 -7.24
N PRO A 32 -11.56 -16.59 -6.62
CA PRO A 32 -12.51 -15.93 -5.71
C PRO A 32 -12.00 -15.18 -4.50
N GLY A 33 -10.79 -15.54 -4.04
CA GLY A 33 -10.22 -14.84 -2.90
C GLY A 33 -9.88 -13.39 -3.18
N TYR A 34 -9.62 -13.03 -4.46
CA TYR A 34 -9.31 -11.63 -4.78
C TYR A 34 -10.59 -10.79 -4.73
N LYS A 35 -11.64 -11.18 -5.45
CA LYS A 35 -12.89 -10.40 -5.40
C LYS A 35 -13.42 -10.37 -3.96
N ALA A 36 -13.24 -11.44 -3.17
CA ALA A 36 -13.73 -11.44 -1.77
C ALA A 36 -12.93 -10.38 -0.95
N SER A 37 -11.64 -10.19 -1.28
CA SER A 37 -10.82 -9.17 -0.59
C SER A 37 -11.34 -7.75 -0.97
N VAL A 38 -11.64 -7.55 -2.25
CA VAL A 38 -12.19 -6.27 -2.72
C VAL A 38 -13.52 -5.95 -1.99
N ASP A 39 -14.40 -6.92 -1.85
CA ASP A 39 -15.69 -6.69 -1.19
C ASP A 39 -15.56 -6.24 0.26
N TYR A 40 -14.60 -6.83 0.99
CA TYR A 40 -14.35 -6.48 2.43
C TYR A 40 -13.93 -5.01 2.55
N VAL A 41 -12.94 -4.63 1.74
CA VAL A 41 -12.40 -3.27 1.78
C VAL A 41 -13.46 -2.23 1.35
N LYS A 42 -14.17 -2.52 0.28
CA LYS A 42 -15.18 -1.60 -0.23
C LYS A 42 -16.31 -1.36 0.79
N ALA A 43 -16.70 -2.40 1.55
CA ALA A 43 -17.78 -2.24 2.51
C ALA A 43 -17.37 -1.28 3.64
N LYS A 44 -16.12 -1.35 4.08
CA LYS A 44 -15.66 -0.48 5.16
C LYS A 44 -15.66 0.97 4.69
N LEU A 45 -15.14 1.21 3.47
CA LEU A 45 -15.11 2.57 2.92
C LEU A 45 -16.53 3.16 2.68
N ASP A 46 -17.44 2.35 2.16
CA ASP A 46 -18.78 2.87 1.91
C ASP A 46 -19.44 3.34 3.21
N ALA A 47 -19.26 2.56 4.28
CA ALA A 47 -19.85 2.90 5.56
C ALA A 47 -19.25 4.18 6.16
N ALA A 48 -17.99 4.48 5.85
CA ALA A 48 -17.34 5.70 6.35
C ALA A 48 -17.68 6.98 5.58
N GLY A 49 -18.37 6.85 4.44
CA GLY A 49 -18.70 8.05 3.70
C GLY A 49 -18.04 8.27 2.34
N TYR A 50 -17.13 7.37 1.95
CA TYR A 50 -16.48 7.47 0.62
C TYR A 50 -17.38 7.18 -0.58
N THR A 51 -17.04 7.77 -1.73
CA THR A 51 -17.72 7.54 -3.01
C THR A 51 -16.81 6.49 -3.69
N THR A 52 -17.28 5.23 -3.80
CA THR A 52 -16.42 4.19 -4.38
C THR A 52 -16.77 3.80 -5.81
N THR A 53 -15.73 3.33 -6.54
CA THR A 53 -15.92 2.86 -7.92
C THR A 53 -15.22 1.52 -8.08
N LEU A 54 -15.88 0.58 -8.74
CA LEU A 54 -15.26 -0.70 -9.07
C LEU A 54 -14.88 -0.60 -10.54
N GLN A 55 -13.59 -0.56 -10.86
CA GLN A 55 -13.06 -0.47 -12.23
C GLN A 55 -12.69 -1.86 -12.73
N GLN A 56 -13.46 -2.37 -13.69
CA GLN A 56 -13.24 -3.68 -14.22
C GLN A 56 -12.33 -3.76 -15.44
N PHE A 57 -11.57 -4.86 -15.58
CA PHE A 57 -10.72 -5.09 -16.77
C PHE A 57 -10.60 -6.60 -17.01
N THR A 58 -10.09 -7.00 -18.17
CA THR A 58 -9.88 -8.42 -18.47
C THR A 58 -8.40 -8.69 -18.76
N SER A 59 -7.84 -9.70 -18.11
CA SER A 59 -6.44 -10.07 -18.33
C SER A 59 -6.32 -11.60 -18.25
N GLY A 60 -5.76 -12.19 -19.29
CA GLY A 60 -5.60 -13.64 -19.32
C GLY A 60 -6.95 -14.34 -19.35
N GLY A 61 -7.92 -13.76 -20.05
CA GLY A 61 -9.26 -14.33 -20.14
C GLY A 61 -10.05 -14.33 -18.84
N ALA A 62 -9.59 -13.60 -17.82
CA ALA A 62 -10.30 -13.56 -16.52
C ALA A 62 -10.58 -12.12 -16.12
N THR A 63 -11.69 -11.88 -15.46
CA THR A 63 -12.06 -10.53 -15.03
C THR A 63 -11.26 -10.10 -13.80
N GLY A 64 -10.67 -8.91 -13.88
CA GLY A 64 -9.91 -8.29 -12.78
C GLY A 64 -10.59 -7.02 -12.29
N TYR A 65 -10.18 -6.50 -11.13
CA TYR A 65 -10.80 -5.26 -10.60
C TYR A 65 -9.82 -4.37 -9.86
N ASN A 66 -10.00 -3.04 -9.94
CA ASN A 66 -9.25 -2.05 -9.12
C ASN A 66 -10.39 -1.42 -8.30
N LEU A 67 -10.13 -1.02 -7.05
CA LEU A 67 -11.17 -0.35 -6.23
C LEU A 67 -10.67 1.09 -6.02
N ILE A 68 -11.48 2.08 -6.38
CA ILE A 68 -11.10 3.50 -6.26
C ILE A 68 -12.03 4.11 -5.20
N ALA A 69 -11.51 4.92 -4.27
CA ALA A 69 -12.34 5.54 -3.21
C ALA A 69 -12.06 7.04 -3.14
N ASN A 70 -13.07 7.85 -3.43
CA ASN A 70 -12.85 9.32 -3.42
C ASN A 70 -13.53 9.93 -2.17
N TRP A 71 -12.80 10.76 -1.41
CA TRP A 71 -13.33 11.43 -0.19
C TRP A 71 -14.02 12.70 -0.70
N PRO A 72 -15.36 12.82 -0.55
CA PRO A 72 -16.02 14.04 -1.07
C PRO A 72 -15.42 15.38 -0.56
N GLY A 73 -15.28 16.34 -1.49
CA GLY A 73 -14.71 17.65 -1.14
C GLY A 73 -13.28 17.91 -1.66
N GLY A 74 -12.72 19.07 -1.29
CA GLY A 74 -11.36 19.40 -1.70
C GLY A 74 -11.25 20.03 -3.08
N ASP A 75 -10.08 20.56 -3.39
CA ASP A 75 -9.84 21.23 -4.67
C ASP A 75 -9.82 20.22 -5.79
N PRO A 76 -10.77 20.28 -6.75
CA PRO A 76 -10.74 19.28 -7.84
C PRO A 76 -9.52 19.37 -8.75
N ASN A 77 -8.82 20.51 -8.75
CA ASN A 77 -7.63 20.67 -9.60
C ASN A 77 -6.31 20.20 -8.96
N LYS A 78 -6.36 19.76 -7.70
CA LYS A 78 -5.17 19.31 -7.00
C LYS A 78 -5.56 18.04 -6.25
N VAL A 79 -5.28 16.89 -6.85
CA VAL A 79 -5.63 15.60 -6.27
C VAL A 79 -4.43 14.82 -5.73
N LEU A 80 -4.53 14.37 -4.46
CA LEU A 80 -3.47 13.52 -3.85
C LEU A 80 -3.97 12.06 -3.74
N MET A 81 -3.22 11.14 -4.33
CA MET A 81 -3.56 9.72 -4.31
C MET A 81 -2.58 8.86 -3.50
N ALA A 82 -3.07 7.77 -2.92
CA ALA A 82 -2.24 6.80 -2.19
C ALA A 82 -2.82 5.41 -2.51
N GLY A 83 -1.97 4.40 -2.69
CA GLY A 83 -2.46 3.07 -3.05
C GLY A 83 -1.57 1.89 -2.66
N ALA A 84 -2.07 0.68 -2.97
CA ALA A 84 -1.41 -0.59 -2.61
C ALA A 84 -2.03 -1.71 -3.42
N HIS A 85 -1.23 -2.65 -3.97
CA HIS A 85 -1.90 -3.73 -4.69
C HIS A 85 -2.55 -4.73 -3.69
N LEU A 86 -3.78 -5.15 -4.01
CA LEU A 86 -4.55 -6.05 -3.14
C LEU A 86 -4.53 -7.56 -3.52
N ASP A 87 -3.85 -7.91 -4.62
CA ASP A 87 -3.72 -9.31 -5.02
C ASP A 87 -2.48 -10.02 -4.44
N SER A 88 -2.52 -11.35 -4.35
CA SER A 88 -1.38 -12.15 -3.87
C SER A 88 -1.02 -13.12 -5.01
N VAL A 89 0.13 -13.79 -4.88
CA VAL A 89 0.43 -14.84 -5.84
C VAL A 89 -0.48 -16.05 -5.45
N SER A 90 -0.61 -17.09 -6.30
CA SER A 90 -1.49 -18.21 -5.94
C SER A 90 -0.94 -19.22 -4.92
N SER A 91 0.33 -19.07 -4.52
CA SER A 91 0.85 -20.01 -3.54
C SER A 91 0.40 -19.78 -2.07
N GLY A 92 -0.11 -18.60 -1.73
CA GLY A 92 -0.50 -18.37 -0.34
C GLY A 92 -1.39 -17.14 -0.12
N ALA A 93 -1.57 -16.75 1.14
CA ALA A 93 -2.44 -15.62 1.52
C ALA A 93 -1.87 -14.22 1.26
N GLY A 94 -0.59 -14.12 0.96
CA GLY A 94 0.06 -12.84 0.71
C GLY A 94 -0.21 -11.82 1.82
N ILE A 95 0.08 -12.17 3.08
CA ILE A 95 -0.17 -11.23 4.21
C ILE A 95 0.83 -10.04 4.22
N ASN A 96 2.14 -10.29 4.12
CA ASN A 96 3.08 -9.17 4.00
C ASN A 96 3.05 -8.59 2.55
N ASP A 97 2.90 -9.46 1.52
CA ASP A 97 2.85 -9.06 0.09
C ASP A 97 1.47 -9.42 -0.49
N ASN A 98 0.50 -8.49 -0.47
CA ASN A 98 0.67 -7.15 0.08
C ASN A 98 -0.53 -6.75 0.94
N GLY A 99 -0.91 -7.65 1.85
CA GLY A 99 -1.96 -7.29 2.81
C GLY A 99 -1.45 -6.15 3.71
N SER A 100 -0.15 -6.14 3.99
CA SER A 100 0.43 -5.10 4.86
C SER A 100 0.13 -3.68 4.33
N GLY A 101 0.51 -3.43 3.08
CA GLY A 101 0.21 -2.14 2.49
C GLY A 101 -1.26 -1.85 2.28
N SER A 102 -2.03 -2.86 1.87
CA SER A 102 -3.46 -2.67 1.66
C SER A 102 -4.18 -2.25 2.95
N ALA A 103 -3.78 -2.86 4.05
CA ALA A 103 -4.34 -2.60 5.40
C ALA A 103 -3.96 -1.24 5.97
N ALA A 104 -2.73 -0.79 5.71
CA ALA A 104 -2.30 0.52 6.21
C ALA A 104 -3.05 1.62 5.45
N VAL A 105 -3.23 1.42 4.14
CA VAL A 105 -3.96 2.43 3.34
C VAL A 105 -5.43 2.50 3.74
N LEU A 106 -6.06 1.33 3.94
CA LEU A 106 -7.47 1.33 4.35
C LEU A 106 -7.65 2.02 5.72
N GLU A 107 -6.79 1.70 6.69
CA GLU A 107 -6.94 2.29 8.01
C GLU A 107 -6.69 3.80 7.96
N THR A 108 -5.76 4.24 7.11
CA THR A 108 -5.56 5.69 6.98
C THR A 108 -6.82 6.35 6.41
N ALA A 109 -7.46 5.72 5.41
CA ALA A 109 -8.70 6.27 4.84
C ALA A 109 -9.83 6.30 5.92
N LEU A 110 -9.91 5.28 6.78
CA LEU A 110 -10.93 5.31 7.82
C LEU A 110 -10.59 6.39 8.86
N ALA A 111 -9.31 6.63 9.10
CA ALA A 111 -8.90 7.66 10.08
C ALA A 111 -9.30 9.08 9.62
N VAL A 112 -9.29 9.32 8.30
CA VAL A 112 -9.71 10.63 7.74
C VAL A 112 -11.17 10.92 8.15
N SER A 113 -12.05 9.92 7.96
CA SER A 113 -13.46 10.08 8.34
C SER A 113 -13.64 10.23 9.87
N ARG A 114 -12.95 9.40 10.65
CA ARG A 114 -13.08 9.47 12.13
C ARG A 114 -12.62 10.83 12.68
N ALA A 115 -11.63 11.46 12.05
CA ALA A 115 -11.11 12.76 12.51
C ALA A 115 -11.92 13.95 11.98
N GLY A 116 -12.85 13.72 11.06
CA GLY A 116 -13.62 14.84 10.50
C GLY A 116 -12.72 15.79 9.69
N TYR A 117 -11.72 15.23 9.06
CA TYR A 117 -10.74 15.97 8.23
C TYR A 117 -11.30 16.47 6.88
N GLN A 118 -11.01 17.76 6.60
CA GLN A 118 -11.36 18.39 5.32
C GLN A 118 -10.05 18.90 4.68
N PRO A 119 -9.36 18.02 3.95
CA PRO A 119 -8.10 18.42 3.30
C PRO A 119 -8.31 19.47 2.20
N ASP A 120 -7.31 20.33 2.00
CA ASP A 120 -7.39 21.36 0.95
C ASP A 120 -7.36 20.64 -0.40
N LYS A 121 -6.50 19.64 -0.55
CA LYS A 121 -6.44 18.88 -1.81
C LYS A 121 -7.46 17.74 -1.75
N HIS A 122 -8.10 17.39 -2.88
CA HIS A 122 -9.06 16.27 -2.90
C HIS A 122 -8.27 14.99 -2.69
N LEU A 123 -8.76 14.11 -1.81
CA LEU A 123 -8.06 12.81 -1.56
C LEU A 123 -8.70 11.63 -2.31
N ARG A 124 -7.86 10.77 -2.90
CA ARG A 124 -8.35 9.58 -3.62
C ARG A 124 -7.45 8.36 -3.29
N PHE A 125 -8.03 7.26 -2.79
CA PHE A 125 -7.25 6.05 -2.44
C PHE A 125 -7.52 4.92 -3.44
N ALA A 126 -6.55 4.03 -3.66
CA ALA A 126 -6.76 2.93 -4.59
C ALA A 126 -6.14 1.58 -4.17
N TRP A 127 -6.85 0.49 -4.49
CA TRP A 127 -6.34 -0.88 -4.23
C TRP A 127 -6.30 -1.52 -5.63
N TRP A 128 -5.10 -1.91 -6.05
CA TRP A 128 -4.87 -2.45 -7.39
C TRP A 128 -5.01 -3.94 -7.60
N GLY A 129 -5.62 -4.34 -8.72
CA GLY A 129 -5.70 -5.76 -9.06
C GLY A 129 -4.55 -6.17 -10.01
N ALA A 130 -4.30 -7.48 -10.07
CA ALA A 130 -3.30 -8.06 -10.95
C ALA A 130 -1.91 -7.46 -10.99
N GLU A 131 -1.40 -6.97 -9.86
CA GLU A 131 -0.04 -6.43 -9.87
C GLU A 131 0.97 -7.56 -10.12
N GLU A 132 0.68 -8.76 -9.60
CA GLU A 132 1.59 -9.92 -9.77
C GLU A 132 1.69 -10.42 -11.22
N LEU A 133 0.77 -9.97 -12.09
CA LEU A 133 0.81 -10.37 -13.51
C LEU A 133 1.66 -9.37 -14.32
N GLY A 134 2.19 -8.33 -13.65
CA GLY A 134 3.00 -7.31 -14.31
C GLY A 134 2.38 -5.91 -14.25
N LEU A 135 1.95 -5.50 -13.07
CA LEU A 135 1.35 -4.17 -12.87
C LEU A 135 0.13 -3.97 -13.79
N ILE A 136 -0.65 -5.02 -14.04
CA ILE A 136 -1.76 -4.88 -15.01
C ILE A 136 -2.86 -3.88 -14.59
N GLY A 137 -3.25 -3.92 -13.32
CA GLY A 137 -4.31 -3.02 -12.82
C GLY A 137 -3.93 -1.53 -12.78
N SER A 138 -2.75 -1.22 -12.22
CA SER A 138 -2.32 0.16 -12.19
C SER A 138 -2.05 0.68 -13.63
N LYS A 139 -1.52 -0.16 -14.52
CA LYS A 139 -1.33 0.32 -15.91
C LYS A 139 -2.72 0.61 -16.55
N PHE A 140 -3.70 -0.24 -16.26
CA PHE A 140 -5.05 -0.01 -16.81
C PHE A 140 -5.61 1.33 -16.30
N TYR A 141 -5.42 1.62 -15.01
CA TYR A 141 -5.91 2.90 -14.49
C TYR A 141 -5.23 4.13 -15.17
N VAL A 142 -3.89 4.14 -15.25
CA VAL A 142 -3.21 5.24 -15.88
C VAL A 142 -3.57 5.30 -17.38
N ASN A 143 -3.60 4.16 -18.06
CA ASN A 143 -3.93 4.19 -19.47
C ASN A 143 -5.36 4.68 -19.76
N ASN A 144 -6.26 4.59 -18.77
CA ASN A 144 -7.65 5.04 -18.99
C ASN A 144 -8.08 6.36 -18.30
N LEU A 145 -7.10 7.01 -17.63
CA LEU A 145 -7.33 8.31 -16.98
C LEU A 145 -7.03 9.38 -18.05
N PRO A 146 -8.05 10.19 -18.45
CA PRO A 146 -7.85 11.22 -19.46
C PRO A 146 -6.72 12.16 -19.09
N SER A 147 -6.00 12.68 -20.08
CA SER A 147 -4.91 13.57 -19.75
C SER A 147 -5.34 14.80 -18.92
N ALA A 148 -6.56 15.31 -19.10
CA ALA A 148 -7.02 16.48 -18.30
C ALA A 148 -7.07 16.10 -16.81
N ASP A 149 -7.38 14.83 -16.52
CA ASP A 149 -7.38 14.36 -15.15
C ASP A 149 -5.94 14.05 -14.64
N ARG A 150 -5.09 13.54 -15.54
CA ARG A 150 -3.72 13.23 -15.14
C ARG A 150 -3.01 14.50 -14.61
N SER A 151 -3.23 15.63 -15.28
CA SER A 151 -2.62 16.90 -14.90
C SER A 151 -3.10 17.42 -13.58
N LYS A 152 -4.21 16.89 -13.09
CA LYS A 152 -4.69 17.37 -11.81
C LYS A 152 -4.06 16.59 -10.63
N LEU A 153 -3.25 15.57 -10.91
CA LEU A 153 -2.64 14.77 -9.82
C LEU A 153 -1.43 15.47 -9.22
N ALA A 154 -1.52 15.75 -7.91
CA ALA A 154 -0.43 16.39 -7.15
C ALA A 154 0.65 15.33 -6.78
N GLY A 155 0.27 14.07 -6.63
CA GLY A 155 1.24 13.02 -6.30
C GLY A 155 0.58 11.66 -6.13
N TYR A 156 1.35 10.57 -6.22
CA TYR A 156 0.87 9.22 -5.95
C TYR A 156 1.85 8.57 -4.93
N LEU A 157 1.32 8.11 -3.78
CA LEU A 157 2.13 7.46 -2.73
C LEU A 157 1.87 5.93 -2.74
N ASN A 158 2.94 5.12 -2.80
CA ASN A 158 2.80 3.66 -2.88
C ASN A 158 3.32 2.87 -1.64
N PHE A 159 2.53 1.90 -1.19
CA PHE A 159 2.89 1.05 -0.05
C PHE A 159 2.75 -0.44 -0.46
N ASP A 160 3.87 -1.11 -0.71
CA ASP A 160 3.94 -2.53 -1.18
C ASP A 160 5.06 -3.23 -0.36
N MET A 161 4.63 -4.05 0.61
CA MET A 161 5.49 -4.81 1.59
C MET A 161 6.09 -3.87 2.66
N ILE A 162 5.37 -3.66 3.76
CA ILE A 162 5.82 -2.76 4.83
C ILE A 162 5.81 -3.41 6.22
N GLY A 163 5.70 -4.74 6.27
CA GLY A 163 5.71 -5.47 7.54
C GLY A 163 6.66 -6.68 7.56
N SER A 164 7.73 -6.63 6.76
CA SER A 164 8.69 -7.73 6.69
C SER A 164 9.26 -8.19 8.06
N PRO A 165 9.31 -9.51 8.32
CA PRO A 165 9.84 -9.98 9.62
C PRO A 165 11.25 -9.66 10.10
N ASN A 166 12.16 -9.40 9.17
CA ASN A 166 13.58 -9.06 9.46
C ASN A 166 13.71 -7.77 8.66
N PRO A 167 13.00 -6.69 9.08
CA PRO A 167 13.01 -5.44 8.31
C PRO A 167 14.15 -4.49 8.14
N GLY A 168 14.06 -3.78 7.01
CA GLY A 168 14.95 -2.66 6.73
C GLY A 168 13.93 -1.52 6.59
N TYR A 169 14.34 -0.25 6.71
CA TYR A 169 13.39 0.85 6.50
C TYR A 169 13.85 1.65 5.26
N PHE A 170 13.22 1.33 4.12
CA PHE A 170 13.55 1.94 2.83
C PHE A 170 12.50 2.98 2.39
N VAL A 171 12.99 4.11 1.88
CA VAL A 171 12.13 5.22 1.40
C VAL A 171 12.45 5.47 -0.08
N TYR A 172 11.44 5.51 -0.96
CA TYR A 172 11.72 5.74 -2.39
C TYR A 172 12.44 7.10 -2.59
N ASP A 173 13.40 7.16 -3.53
CA ASP A 173 14.16 8.39 -3.84
C ASP A 173 13.68 8.97 -5.18
N ASP A 174 12.41 9.36 -5.21
CA ASP A 174 11.79 9.94 -6.40
C ASP A 174 11.47 11.41 -6.16
N ASP A 175 10.21 11.85 -6.20
CA ASP A 175 9.93 13.27 -5.96
C ASP A 175 10.60 13.79 -4.66
N PRO A 176 11.29 14.96 -4.71
CA PRO A 176 11.93 15.43 -3.47
C PRO A 176 11.05 15.84 -2.28
N VAL A 177 9.93 16.50 -2.53
CA VAL A 177 9.04 16.89 -1.47
C VAL A 177 8.46 15.64 -0.78
N ILE A 178 7.96 14.67 -1.56
CA ILE A 178 7.41 13.45 -0.94
C ILE A 178 8.46 12.69 -0.11
N GLU A 179 9.66 12.48 -0.67
CA GLU A 179 10.74 11.80 0.04
C GLU A 179 11.12 12.51 1.36
N LYS A 180 11.21 13.84 1.32
CA LYS A 180 11.56 14.57 2.54
C LYS A 180 10.48 14.41 3.61
N THR A 181 9.21 14.34 3.19
CA THR A 181 8.10 14.18 4.14
C THR A 181 8.23 12.84 4.90
N PHE A 182 8.52 11.75 4.17
CA PHE A 182 8.68 10.45 4.83
C PHE A 182 9.94 10.46 5.72
N LYS A 183 11.07 10.95 5.17
CA LYS A 183 12.34 10.97 5.93
C LYS A 183 12.26 11.78 7.22
N ASN A 184 11.52 12.88 7.21
CA ASN A 184 11.37 13.70 8.43
C ASN A 184 10.59 12.96 9.53
N TYR A 185 9.56 12.18 9.16
CA TYR A 185 8.79 11.41 10.17
C TYR A 185 9.72 10.40 10.85
N PHE A 186 10.53 9.70 10.06
CA PHE A 186 11.44 8.72 10.64
C PHE A 186 12.53 9.38 11.54
N ALA A 187 12.97 10.58 11.15
CA ALA A 187 13.96 11.34 11.93
C ALA A 187 13.41 11.66 13.32
N GLY A 188 12.11 11.94 13.37
CA GLY A 188 11.44 12.22 14.63
C GLY A 188 11.36 11.02 15.56
N LEU A 189 11.52 9.81 15.00
CA LEU A 189 11.52 8.54 15.76
C LEU A 189 12.95 8.09 16.04
N ASN A 190 13.93 8.79 15.46
CA ASN A 190 15.33 8.42 15.59
C ASN A 190 15.58 7.04 14.99
N VAL A 191 14.88 6.77 13.89
CA VAL A 191 15.07 5.51 13.15
C VAL A 191 15.68 5.89 11.77
N PRO A 192 16.91 5.42 11.48
CA PRO A 192 17.51 5.76 10.18
C PRO A 192 16.82 5.06 8.99
N THR A 193 16.90 5.68 7.81
CA THR A 193 16.33 5.06 6.58
C THR A 193 17.42 4.94 5.47
N GLU A 194 17.18 4.10 4.45
CA GLU A 194 18.09 3.99 3.30
C GLU A 194 17.26 4.14 2.00
N ILE A 195 17.92 4.48 0.90
CA ILE A 195 17.25 4.61 -0.40
C ILE A 195 16.78 3.25 -0.88
N GLU A 196 15.56 3.21 -1.43
CA GLU A 196 14.96 1.99 -1.93
C GLU A 196 15.54 1.58 -3.29
N THR A 197 16.17 0.41 -3.34
CA THR A 197 16.75 -0.08 -4.56
C THR A 197 16.25 -1.49 -4.94
N GLU A 198 16.23 -2.41 -3.96
CA GLU A 198 15.79 -3.80 -4.20
C GLU A 198 14.49 -3.85 -4.99
N ARG A 202 9.65 -1.72 -9.85
CA ARG A 202 8.82 -2.94 -9.90
C ARG A 202 7.59 -2.93 -8.96
N SER A 203 6.86 -1.83 -8.94
CA SER A 203 5.61 -1.74 -8.20
C SER A 203 4.66 -0.76 -8.89
N ASP A 204 3.48 -0.59 -8.32
CA ASP A 204 2.44 0.22 -8.94
C ASP A 204 2.69 1.72 -9.10
N HIS A 205 3.77 2.25 -8.49
CA HIS A 205 4.04 3.68 -8.72
C HIS A 205 4.67 3.86 -10.13
N ALA A 206 5.25 2.81 -10.70
CA ALA A 206 5.89 2.96 -12.02
C ALA A 206 5.05 3.56 -13.16
N PRO A 207 3.77 3.13 -13.35
CA PRO A 207 3.06 3.75 -14.48
C PRO A 207 2.70 5.23 -14.26
N PHE A 208 2.61 5.65 -13.00
CA PHE A 208 2.37 7.07 -12.68
C PHE A 208 3.67 7.87 -12.90
N LYS A 209 4.79 7.33 -12.41
CA LYS A 209 6.11 8.01 -12.54
C LYS A 209 6.47 8.21 -14.03
N ASN A 210 6.19 7.21 -14.86
CA ASN A 210 6.50 7.25 -16.30
C ASN A 210 5.75 8.28 -17.12
N VAL A 211 4.63 8.77 -16.59
CA VAL A 211 3.86 9.83 -17.27
C VAL A 211 3.98 11.19 -16.54
N GLY A 212 4.99 11.31 -15.66
CA GLY A 212 5.24 12.58 -14.99
C GLY A 212 4.53 12.94 -13.71
N VAL A 213 3.79 12.02 -13.11
CA VAL A 213 3.12 12.34 -11.84
C VAL A 213 4.18 12.17 -10.72
N PRO A 214 4.29 13.15 -9.81
CA PRO A 214 5.30 12.98 -8.74
C PRO A 214 4.96 11.72 -7.92
N VAL A 215 5.95 10.85 -7.60
CA VAL A 215 5.66 9.67 -6.75
C VAL A 215 6.64 9.49 -5.57
N GLY A 216 6.24 8.64 -4.61
CA GLY A 216 7.04 8.29 -3.45
C GLY A 216 6.50 7.02 -2.77
N GLY A 217 7.16 6.51 -1.72
CA GLY A 217 6.66 5.31 -1.05
C GLY A 217 7.58 4.74 0.04
N LEU A 218 7.15 3.64 0.64
CA LEU A 218 7.85 2.93 1.74
C LEU A 218 7.98 1.42 1.44
N PHE A 219 9.06 0.78 1.89
CA PHE A 219 9.32 -0.67 1.62
C PHE A 219 10.22 -1.21 2.74
N THR A 220 9.94 -2.45 3.17
CA THR A 220 10.74 -3.07 4.26
C THR A 220 11.64 -4.23 3.82
N GLY A 221 11.69 -4.51 2.51
CA GLY A 221 12.57 -5.57 1.97
C GLY A 221 11.90 -6.89 1.61
N ALA A 222 12.45 -7.60 0.62
CA ALA A 222 11.89 -8.88 0.19
C ALA A 222 12.92 -10.01 0.19
N GLY A 223 13.23 -10.54 -1.00
CA GLY A 223 14.16 -11.66 -1.10
C GLY A 223 15.64 -11.41 -0.86
N TYR A 224 16.10 -10.17 -0.96
CA TYR A 224 17.50 -9.83 -0.71
C TYR A 224 17.91 -10.16 0.74
N THR A 225 19.21 -10.31 0.95
CA THR A 225 19.75 -10.62 2.27
C THR A 225 20.12 -9.38 3.07
N LYS A 226 19.75 -9.34 4.35
CA LYS A 226 20.10 -8.18 5.22
C LYS A 226 21.59 -8.28 5.51
N SER A 227 22.32 -7.17 5.33
CA SER A 227 23.76 -7.15 5.58
C SER A 227 24.13 -6.93 7.05
N ALA A 228 25.41 -7.18 7.32
CA ALA A 228 25.91 -6.97 8.68
C ALA A 228 25.68 -5.51 9.10
N ALA A 229 25.89 -4.57 8.18
CA ALA A 229 25.70 -3.16 8.53
C ALA A 229 24.23 -2.77 8.73
N GLN A 230 23.32 -3.39 7.98
CA GLN A 230 21.90 -3.09 8.14
C GLN A 230 21.41 -3.66 9.46
N ALA A 231 21.96 -4.80 9.89
CA ALA A 231 21.58 -5.43 11.17
C ALA A 231 22.06 -4.55 12.36
N GLN A 232 23.19 -3.88 12.18
CA GLN A 232 23.71 -3.00 13.23
C GLN A 232 22.78 -1.78 13.41
N LYS A 233 22.23 -1.24 12.33
CA LYS A 233 21.37 -0.08 12.51
C LYS A 233 19.91 -0.36 12.83
N TRP A 234 19.41 -1.53 12.41
CA TRP A 234 18.00 -1.88 12.62
C TRP A 234 17.70 -3.13 13.45
N GLY A 235 18.71 -3.89 13.81
CA GLY A 235 18.47 -5.13 14.54
C GLY A 235 18.08 -6.25 13.56
N GLY A 236 17.59 -7.36 14.12
CA GLY A 236 17.24 -8.53 13.32
C GLY A 236 18.38 -9.52 13.11
N THR A 237 18.39 -10.15 11.95
CA THR A 237 19.40 -11.18 11.62
C THR A 237 20.20 -10.97 10.31
N ALA A 238 21.48 -10.64 10.44
CA ALA A 238 22.32 -10.48 9.24
C ALA A 238 22.44 -11.84 8.54
N GLY A 239 22.47 -11.83 7.21
CA GLY A 239 22.61 -13.09 6.49
C GLY A 239 21.31 -13.82 6.16
N GLN A 240 20.17 -13.31 6.67
CA GLN A 240 18.88 -13.93 6.35
C GLN A 240 18.08 -12.93 5.49
N ALA A 241 17.15 -13.40 4.66
CA ALA A 241 16.32 -12.49 3.85
C ALA A 241 15.50 -11.50 4.70
N PHE A 242 15.16 -10.33 4.15
CA PHE A 242 14.25 -9.40 4.89
C PHE A 242 12.88 -10.17 5.04
N ASP A 243 12.50 -10.97 4.02
CA ASP A 243 11.26 -11.77 4.08
C ASP A 243 11.57 -13.17 3.56
N ARG A 244 11.73 -14.11 4.50
CA ARG A 244 12.01 -15.53 4.25
C ARG A 244 10.83 -16.29 3.64
N CYS A 245 9.65 -15.66 3.59
CA CYS A 245 8.41 -16.28 3.05
C CYS A 245 7.86 -15.53 1.82
N TYR A 246 8.73 -14.79 1.15
CA TYR A 246 8.36 -14.03 -0.04
C TYR A 246 7.75 -14.96 -1.10
N HIS A 247 6.54 -14.61 -1.56
CA HIS A 247 5.78 -15.37 -2.56
C HIS A 247 5.56 -16.88 -2.20
N SER A 248 5.53 -17.17 -0.89
CA SER A 248 5.42 -18.56 -0.39
C SER A 248 4.12 -18.86 0.35
N SER A 249 3.85 -20.16 0.57
CA SER A 249 2.68 -20.53 1.35
C SER A 249 2.83 -20.06 2.81
N CYS A 250 4.06 -19.78 3.26
CA CYS A 250 4.23 -19.27 4.64
C CYS A 250 4.09 -17.76 4.82
N ASP A 251 3.66 -17.04 3.76
CA ASP A 251 3.42 -15.58 3.89
C ASP A 251 2.02 -15.46 4.52
N SER A 252 1.96 -15.82 5.81
CA SER A 252 0.75 -15.87 6.64
C SER A 252 0.74 -14.81 7.74
N LEU A 253 -0.23 -14.90 8.68
CA LEU A 253 -0.27 -13.95 9.79
C LEU A 253 1.01 -13.95 10.66
N SER A 254 1.76 -15.05 10.66
CA SER A 254 2.97 -15.12 11.46
C SER A 254 4.17 -14.45 10.75
N ASN A 255 3.95 -14.08 9.48
CA ASN A 255 5.01 -13.45 8.68
C ASN A 255 4.95 -11.89 8.73
N ILE A 256 4.84 -11.34 9.93
CA ILE A 256 4.74 -9.86 10.10
C ILE A 256 5.58 -9.39 11.32
N ASN A 257 6.30 -8.26 11.18
CA ASN A 257 7.04 -7.65 12.29
C ASN A 257 6.13 -6.47 12.70
N ASP A 258 5.52 -6.56 13.89
CA ASP A 258 4.60 -5.54 14.37
C ASP A 258 5.16 -4.12 14.44
N THR A 259 6.40 -3.98 14.88
CA THR A 259 7.02 -2.64 14.97
C THR A 259 7.13 -1.99 13.59
N ALA A 260 7.56 -2.74 12.58
CA ALA A 260 7.66 -2.16 11.23
C ALA A 260 6.27 -1.79 10.68
N LEU A 261 5.28 -2.66 10.89
CA LEU A 261 3.93 -2.36 10.39
C LEU A 261 3.38 -1.11 11.05
N ASP A 262 3.63 -0.94 12.35
CA ASP A 262 3.13 0.21 13.11
C ASP A 262 3.78 1.52 12.62
N ARG A 263 5.10 1.54 12.52
CA ARG A 263 5.83 2.71 12.08
C ARG A 263 5.46 3.13 10.67
N ASN A 264 5.39 2.16 9.73
CA ASN A 264 5.05 2.48 8.36
C ASN A 264 3.59 2.94 8.20
N SER A 265 2.65 2.37 8.98
CA SER A 265 1.26 2.84 8.94
C SER A 265 1.16 4.28 9.43
N ASP A 266 1.84 4.58 10.53
CA ASP A 266 1.86 5.94 11.10
C ASP A 266 2.51 6.95 10.13
N ALA A 267 3.58 6.53 9.48
CA ALA A 267 4.29 7.37 8.50
C ALA A 267 3.35 7.67 7.30
N ALA A 268 2.62 6.65 6.85
CA ALA A 268 1.66 6.86 5.75
C ALA A 268 0.65 7.97 6.07
N ALA A 269 0.05 7.91 7.26
CA ALA A 269 -0.92 8.92 7.68
C ALA A 269 -0.25 10.32 7.80
N HIS A 270 0.96 10.35 8.33
CA HIS A 270 1.70 11.62 8.46
C HIS A 270 1.91 12.24 7.05
N ALA A 271 2.32 11.44 6.08
CA ALA A 271 2.56 12.00 4.76
C ALA A 271 1.27 12.48 4.09
N ILE A 272 0.20 11.70 4.23
CA ILE A 272 -1.08 12.06 3.62
C ILE A 272 -1.65 13.38 4.21
N TRP A 273 -1.53 13.58 5.51
CA TRP A 273 -2.03 14.84 6.10
C TRP A 273 -1.17 16.00 5.64
N THR A 274 0.14 15.83 5.75
CA THR A 274 1.08 16.87 5.38
C THR A 274 1.01 17.38 3.94
N LEU A 275 0.98 16.44 2.99
CA LEU A 275 0.91 16.76 1.56
C LEU A 275 -0.44 17.20 1.05
N SER A 276 -1.50 17.09 1.87
CA SER A 276 -2.85 17.48 1.41
C SER A 276 -3.41 18.81 1.93
N SER A 277 -2.66 19.49 2.78
CA SER A 277 -3.18 20.76 3.31
C SER A 277 -2.10 21.82 3.46
ZN ZN B . 3.91 -6.65 -3.77
ZN ZN C . 4.78 -10.02 -4.98
CA CA D . 0.55 3.68 15.63
N PHE E . 6.18 -5.36 -6.32
CA PHE E . 6.88 -6.57 -5.78
C PHE E . 5.93 -7.72 -5.63
O PHE E . 4.71 -7.56 -5.86
CB PHE E . 7.50 -6.29 -4.40
CG PHE E . 8.22 -5.02 -4.34
CD1 PHE E . 9.40 -4.85 -5.05
CD2 PHE E . 7.69 -3.93 -3.63
CE1 PHE E . 10.04 -3.59 -5.08
CE2 PHE E . 8.32 -2.70 -3.64
CZ PHE E . 9.48 -2.51 -4.35
OXT PHE E . 6.46 -8.77 -5.26
#